data_3RMG
#
_entry.id   3RMG
#
_cell.length_a   44.618
_cell.length_b   111.408
_cell.length_c   83.376
_cell.angle_alpha   90.00
_cell.angle_beta   92.56
_cell.angle_gamma   90.00
#
_symmetry.space_group_name_H-M   'P 1 21 1'
#
loop_
_entity.id
_entity.type
_entity.pdbx_description
1 polymer 'Octaprenyl-diphosphate synthase'
2 water water
#
_entity_poly.entity_id   1
_entity_poly.type   'polypeptide(L)'
_entity_poly.pdbx_seq_one_letter_code
;MSLDSISLIKTPIEAELEDFKALFDTPLSDSNALLDSVITHIRKRNGKMMRPILVLLVARLYGAVTPATLHAAVSLELLH
TASLVHDDVVDESTERRGQLSVNAIFNNKVSVLAGDYLLATSLVHAEQTNNYEIIRLVSSLGQKLAEGELLQLSNVSNHS
FSEEVYFDVIRKKTAALFAACAEAAALSVQVGEEEVAFARLLGEYIGICFQIKDDIFDYFDSKKIGKPTGNDMLEGKLTL
PALYALNTTKDAWAEQIAFKVKEGTATPDEIVRLIEFTKDNGGIEYACRTIEQYKKKAFDLLAALPDSNICLALRTYLDY
VVAREKEGHHHHHH
;
_entity_poly.pdbx_strand_id   A,B
#
# COMPACT_ATOMS: atom_id res chain seq x y z
N SER A 2 -11.14 40.07 18.52
CA SER A 2 -10.86 39.88 19.98
C SER A 2 -9.83 38.79 20.21
N LEU A 3 -10.29 37.61 20.65
CA LEU A 3 -9.39 36.47 20.84
C LEU A 3 -9.03 35.86 19.49
N ASP A 4 -7.73 35.76 19.22
CA ASP A 4 -7.24 35.10 18.02
C ASP A 4 -7.41 33.56 18.09
N SER A 5 -8.39 33.04 17.36
CA SER A 5 -8.70 31.61 17.39
C SER A 5 -7.51 30.72 17.08
N ILE A 6 -6.87 30.96 15.94
CA ILE A 6 -5.71 30.14 15.56
C ILE A 6 -4.70 30.02 16.71
N SER A 7 -4.48 31.13 17.42
CA SER A 7 -3.52 31.10 18.51
C SER A 7 -3.99 30.16 19.65
N LEU A 8 -5.25 30.28 20.05
CA LEU A 8 -5.80 29.40 21.08
C LEU A 8 -5.64 27.93 20.71
N ILE A 9 -5.64 27.65 19.40
CA ILE A 9 -5.53 26.30 18.89
C ILE A 9 -4.09 25.76 18.79
N LYS A 10 -3.19 26.56 18.23
CA LYS A 10 -1.84 26.09 17.88
C LYS A 10 -0.79 26.42 18.92
N THR A 11 -0.89 27.62 19.51
CA THR A 11 0.15 28.07 20.43
C THR A 11 0.57 26.98 21.43
N PRO A 12 -0.43 26.32 22.07
CA PRO A 12 -0.14 25.35 23.12
C PRO A 12 0.59 24.12 22.58
N ILE A 13 0.61 23.97 21.26
CA ILE A 13 1.25 22.81 20.64
C ILE A 13 2.28 23.23 19.59
N GLU A 14 2.64 24.50 19.65
CA GLU A 14 3.57 25.12 18.72
C GLU A 14 4.85 24.31 18.47
N ALA A 15 5.49 23.85 19.54
CA ALA A 15 6.78 23.18 19.44
C ALA A 15 6.63 21.79 18.84
N GLU A 16 5.60 21.07 19.28
CA GLU A 16 5.34 19.72 18.78
C GLU A 16 4.81 19.75 17.36
N LEU A 17 4.13 20.83 17.00
CA LEU A 17 3.78 21.06 15.61
C LEU A 17 5.00 21.16 14.71
N GLU A 18 6.07 21.75 15.24
CA GLU A 18 7.28 21.89 14.45
C GLU A 18 7.93 20.53 14.34
N ASP A 19 7.95 19.80 15.45
CA ASP A 19 8.53 18.47 15.45
C ASP A 19 7.77 17.55 14.48
N PHE A 20 6.45 17.72 14.41
CA PHE A 20 5.69 16.88 13.52
C PHE A 20 5.99 17.20 12.05
N LYS A 21 6.19 18.48 11.77
CA LYS A 21 6.41 18.94 10.39
C LYS A 21 7.76 18.45 9.87
N ALA A 22 8.77 18.48 10.74
CA ALA A 22 10.08 17.94 10.43
C ALA A 22 9.98 16.44 10.16
N LEU A 23 9.39 15.73 11.12
CA LEU A 23 9.31 14.27 11.05
C LEU A 23 8.52 13.78 9.84
N PHE A 24 7.69 14.67 9.31
CA PHE A 24 6.81 14.35 8.19
C PHE A 24 7.58 14.33 6.88
N ASP A 25 8.77 14.95 6.90
CA ASP A 25 9.61 15.09 5.71
C ASP A 25 10.92 14.33 5.82
N ASP A 30 17.76 4.04 0.35
CA ASP A 30 16.39 4.47 0.08
C ASP A 30 16.37 5.81 -0.69
N SER A 31 16.96 5.81 -1.89
CA SER A 31 17.01 7.03 -2.72
C SER A 31 16.81 6.75 -4.21
N ASN A 32 16.12 7.68 -4.88
CA ASN A 32 15.74 7.50 -6.29
C ASN A 32 15.62 8.86 -6.96
N ALA A 33 16.09 8.97 -8.20
CA ALA A 33 15.92 10.19 -8.99
C ALA A 33 14.44 10.48 -9.24
N LEU A 34 13.67 9.43 -9.49
CA LEU A 34 12.22 9.56 -9.66
C LEU A 34 11.53 9.64 -8.29
N LEU A 35 11.92 8.77 -7.38
CA LEU A 35 11.38 8.75 -6.01
C LEU A 35 11.41 10.13 -5.36
N ASP A 36 12.60 10.74 -5.32
CA ASP A 36 12.78 12.08 -4.73
C ASP A 36 11.87 13.12 -5.37
N SER A 37 11.75 13.08 -6.70
CA SER A 37 10.93 14.03 -7.43
C SER A 37 9.45 13.94 -7.07
N VAL A 38 8.93 12.71 -7.04
CA VAL A 38 7.51 12.50 -6.80
C VAL A 38 7.10 12.59 -5.33
N ILE A 39 7.81 11.91 -4.46
CA ILE A 39 7.45 12.02 -3.07
C ILE A 39 7.78 13.42 -2.55
N THR A 40 8.92 13.93 -2.96
CA THR A 40 9.32 15.25 -2.53
C THR A 40 8.33 16.23 -3.08
N HIS A 41 7.91 15.99 -4.31
CA HIS A 41 7.01 16.90 -5.02
C HIS A 41 5.65 17.11 -4.36
N ILE A 42 5.04 16.05 -3.84
CA ILE A 42 3.74 16.20 -3.22
C ILE A 42 3.87 16.41 -1.75
N ARG A 43 5.10 16.65 -1.34
CA ARG A 43 5.39 16.87 0.08
C ARG A 43 5.43 18.35 0.43
N LYS A 48 -3.25 23.50 5.70
CA LYS A 48 -3.57 23.37 7.11
C LYS A 48 -3.56 21.92 7.58
N MET A 49 -2.95 21.67 8.74
CA MET A 49 -2.78 20.32 9.25
C MET A 49 -3.89 19.97 10.21
N MET A 50 -5.12 19.90 9.69
CA MET A 50 -6.28 19.67 10.50
C MET A 50 -6.16 18.41 11.38
N ARG A 51 -5.66 17.32 10.80
CA ARG A 51 -5.56 16.07 11.53
C ARG A 51 -4.37 15.99 12.49
N PRO A 52 -3.18 16.41 12.04
CA PRO A 52 -2.04 16.49 12.96
C PRO A 52 -2.33 17.37 14.17
N ILE A 53 -3.00 18.48 13.98
CA ILE A 53 -3.38 19.31 15.14
C ILE A 53 -4.28 18.53 16.10
N LEU A 54 -5.21 17.77 15.55
CA LEU A 54 -6.05 16.93 16.40
C LEU A 54 -5.22 15.90 17.21
N VAL A 55 -4.28 15.23 16.55
CA VAL A 55 -3.49 14.23 17.23
C VAL A 55 -2.76 14.85 18.41
N LEU A 56 -2.14 16.01 18.18
CA LEU A 56 -1.37 16.70 19.20
C LEU A 56 -2.27 17.16 20.35
N LEU A 57 -3.38 17.83 20.03
CA LEU A 57 -4.26 18.31 21.10
C LEU A 57 -4.78 17.16 21.97
N VAL A 58 -5.25 16.08 21.35
CA VAL A 58 -5.81 14.94 22.12
C VAL A 58 -4.76 14.35 23.07
N ALA A 59 -3.54 14.19 22.59
CA ALA A 59 -2.48 13.63 23.42
C ALA A 59 -2.22 14.54 24.61
N ARG A 60 -2.25 15.85 24.36
CA ARG A 60 -2.02 16.83 25.42
C ARG A 60 -3.16 16.85 26.44
N LEU A 61 -4.31 16.30 26.10
CA LEU A 61 -5.33 16.10 27.14
C LEU A 61 -4.80 15.19 28.25
N TYR A 62 -3.92 14.26 27.90
CA TYR A 62 -3.49 13.22 28.84
C TYR A 62 -2.06 13.36 29.34
N GLY A 63 -1.19 13.91 28.52
CA GLY A 63 0.21 14.04 28.90
C GLY A 63 1.03 14.85 27.93
N ALA A 64 2.32 14.62 27.93
CA ALA A 64 3.20 15.29 27.01
C ALA A 64 3.25 14.47 25.73
N VAL A 65 3.44 15.15 24.61
CA VAL A 65 3.59 14.51 23.33
C VAL A 65 4.89 13.72 23.30
N THR A 66 4.82 12.45 22.93
CA THR A 66 6.00 11.61 22.81
C THR A 66 6.33 11.43 21.34
N PRO A 67 7.52 10.86 21.05
CA PRO A 67 7.91 10.59 19.68
C PRO A 67 6.94 9.59 19.01
N ALA A 68 6.31 8.73 19.82
CA ALA A 68 5.25 7.86 19.32
C ALA A 68 4.04 8.64 18.79
N THR A 69 3.71 9.74 19.46
CA THR A 69 2.59 10.59 19.03
C THR A 69 2.88 11.16 17.66
N LEU A 70 4.09 11.70 17.50
CA LEU A 70 4.53 12.22 16.21
C LEU A 70 4.53 11.15 15.11
N HIS A 71 5.04 9.95 15.39
CA HIS A 71 5.04 8.90 14.36
C HIS A 71 3.62 8.48 13.99
N ALA A 72 2.75 8.34 14.99
CA ALA A 72 1.34 8.09 14.73
C ALA A 72 0.78 9.11 13.75
N ALA A 73 0.99 10.39 14.06
CA ALA A 73 0.43 11.46 13.25
C ALA A 73 0.96 11.41 11.82
N VAL A 74 2.28 11.24 11.68
CA VAL A 74 2.88 11.04 10.38
C VAL A 74 2.27 9.81 9.68
N SER A 75 2.24 8.69 10.39
CA SER A 75 1.71 7.48 9.79
C SER A 75 0.34 7.72 9.20
N LEU A 76 -0.59 8.24 10.01
CA LEU A 76 -1.96 8.41 9.58
C LEU A 76 -2.07 9.45 8.47
N GLU A 77 -1.28 10.52 8.57
CA GLU A 77 -1.25 11.51 7.52
C GLU A 77 -0.72 10.93 6.19
N LEU A 78 0.28 10.07 6.27
CA LEU A 78 0.78 9.39 5.07
C LEU A 78 -0.28 8.46 4.46
N LEU A 79 -0.99 7.74 5.32
CA LEU A 79 -2.04 6.83 4.84
C LEU A 79 -3.11 7.60 4.06
N HIS A 80 -3.52 8.74 4.62
CA HIS A 80 -4.50 9.61 3.99
C HIS A 80 -3.97 10.13 2.66
N THR A 81 -2.75 10.66 2.67
CA THR A 81 -2.16 11.17 1.46
C THR A 81 -2.11 10.10 0.39
N ALA A 82 -1.71 8.89 0.77
CA ALA A 82 -1.59 7.81 -0.21
C ALA A 82 -2.93 7.47 -0.88
N SER A 83 -4.02 7.48 -0.13
CA SER A 83 -5.29 7.11 -0.72
C SER A 83 -5.85 8.24 -1.60
N LEU A 84 -5.66 9.50 -1.20
CA LEU A 84 -5.95 10.61 -2.12
C LEU A 84 -5.20 10.44 -3.45
N VAL A 85 -3.92 10.10 -3.38
CA VAL A 85 -3.14 9.91 -4.59
C VAL A 85 -3.66 8.75 -5.44
N HIS A 86 -4.08 7.68 -4.77
CA HIS A 86 -4.57 6.50 -5.46
C HIS A 86 -5.98 6.72 -6.02
N ASP A 87 -6.72 7.60 -5.38
CA ASP A 87 -8.05 7.97 -5.88
C ASP A 87 -8.02 8.74 -7.21
N ASP A 88 -7.08 9.66 -7.36
CA ASP A 88 -6.94 10.39 -8.62
C ASP A 88 -6.72 9.41 -9.77
N VAL A 89 -5.92 8.39 -9.49
CA VAL A 89 -5.61 7.37 -10.48
C VAL A 89 -6.88 6.73 -11.03
N VAL A 90 -7.72 6.24 -10.12
CA VAL A 90 -8.96 5.59 -10.53
C VAL A 90 -9.76 6.50 -11.46
N ASP A 91 -9.71 7.81 -11.19
CA ASP A 91 -10.42 8.80 -11.99
C ASP A 91 -9.48 9.43 -13.03
N SER A 101 -4.50 10.96 -24.08
CA SER A 101 -4.88 9.55 -24.09
C SER A 101 -3.71 8.68 -23.63
N VAL A 102 -2.55 8.86 -24.26
CA VAL A 102 -1.34 8.18 -23.83
C VAL A 102 -0.77 8.87 -22.60
N ASN A 103 -0.93 10.19 -22.55
CA ASN A 103 -0.61 10.98 -21.35
C ASN A 103 -1.56 10.64 -20.21
N ALA A 104 -2.70 10.01 -20.39
CA ALA A 104 -3.35 9.58 -19.14
C ALA A 104 -2.60 8.47 -18.34
N ILE A 105 -2.21 7.46 -19.09
CA ILE A 105 -1.63 6.24 -18.57
C ILE A 105 -0.34 6.50 -17.83
N PHE A 106 0.41 7.42 -18.40
CA PHE A 106 1.70 7.73 -17.91
C PHE A 106 1.61 8.31 -16.53
N ASN A 107 0.71 9.24 -16.33
CA ASN A 107 0.71 9.88 -15.06
C ASN A 107 0.46 8.67 -14.22
N ASN A 108 -0.47 7.85 -14.68
CA ASN A 108 -0.86 6.76 -13.83
C ASN A 108 0.16 5.75 -13.33
N LYS A 109 1.11 5.27 -14.11
CA LYS A 109 1.90 4.16 -13.49
C LYS A 109 2.77 4.39 -12.22
N VAL A 110 3.55 5.44 -12.22
CA VAL A 110 4.38 5.92 -11.12
C VAL A 110 3.55 6.41 -9.93
N SER A 111 2.43 7.07 -10.21
CA SER A 111 1.58 7.61 -9.17
C SER A 111 0.99 6.49 -8.29
N VAL A 112 0.73 5.34 -8.90
CA VAL A 112 0.30 4.17 -8.12
C VAL A 112 1.47 3.70 -7.27
N LEU A 113 2.66 3.76 -7.84
CA LEU A 113 3.84 3.33 -7.10
C LEU A 113 4.20 4.35 -6.02
N ALA A 114 4.00 5.63 -6.32
CA ALA A 114 4.19 6.68 -5.34
C ALA A 114 3.24 6.43 -4.17
N GLY A 115 1.96 6.31 -4.47
CA GLY A 115 0.97 5.92 -3.47
C GLY A 115 1.40 4.71 -2.67
N ASP A 116 1.94 3.69 -3.33
CA ASP A 116 2.36 2.48 -2.63
C ASP A 116 3.53 2.78 -1.68
N TYR A 117 4.42 3.68 -2.12
CA TYR A 117 5.53 4.13 -1.28
C TYR A 117 5.00 4.85 -0.05
N LEU A 118 4.32 5.98 -0.26
CA LEU A 118 3.69 6.70 0.83
C LEU A 118 3.03 5.72 1.80
N LEU A 119 2.34 4.74 1.23
CA LEU A 119 1.63 3.72 2.01
C LEU A 119 2.56 2.81 2.83
N ALA A 120 3.71 2.50 2.26
CA ALA A 120 4.71 1.71 3.00
C ALA A 120 5.35 2.62 4.04
N THR A 121 5.76 3.81 3.61
CA THR A 121 6.34 4.75 4.56
C THR A 121 5.36 4.92 5.72
N SER A 122 4.08 5.10 5.41
CA SER A 122 3.05 5.17 6.45
CA SER A 122 3.03 5.15 6.44
C SER A 122 3.21 4.03 7.46
N LEU A 123 3.44 2.82 6.96
CA LEU A 123 3.59 1.64 7.85
C LEU A 123 4.86 1.65 8.71
N VAL A 124 5.96 2.12 8.12
CA VAL A 124 7.22 2.28 8.84
C VAL A 124 7.00 3.19 10.05
N HIS A 125 6.38 4.34 9.82
CA HIS A 125 6.14 5.26 10.93
C HIS A 125 5.30 4.59 12.02
N ALA A 126 4.27 3.85 11.62
CA ALA A 126 3.47 3.17 12.64
C ALA A 126 4.36 2.27 13.50
N GLU A 127 5.30 1.57 12.86
CA GLU A 127 6.16 0.65 13.59
C GLU A 127 7.13 1.44 14.49
N GLN A 128 7.69 2.50 13.94
CA GLN A 128 8.51 3.42 14.76
C GLN A 128 7.82 4.00 16.01
N THR A 129 6.48 3.87 16.12
CA THR A 129 5.81 4.20 17.40
C THR A 129 6.15 3.18 18.48
N ASN A 130 6.72 2.06 18.08
CA ASN A 130 6.96 0.96 19.01
C ASN A 130 5.72 0.61 19.82
N ASN A 131 4.53 0.75 19.23
CA ASN A 131 3.29 0.44 19.93
C ASN A 131 2.38 -0.44 19.07
N TYR A 132 2.07 -1.63 19.57
CA TYR A 132 1.37 -2.66 18.79
C TYR A 132 -0.03 -2.23 18.40
N GLU A 133 -0.73 -1.67 19.37
CA GLU A 133 -2.10 -1.24 19.18
C GLU A 133 -2.15 -0.20 18.07
N ILE A 134 -1.17 0.67 18.06
CA ILE A 134 -1.14 1.72 17.07
C ILE A 134 -0.85 1.07 15.73
N ILE A 135 0.03 0.08 15.74
CA ILE A 135 0.30 -0.67 14.52
C ILE A 135 -0.97 -1.38 14.07
N ARG A 136 -1.65 -2.03 15.01
CA ARG A 136 -2.92 -2.65 14.73
C ARG A 136 -3.92 -1.64 14.16
N LEU A 137 -3.99 -0.46 14.80
CA LEU A 137 -4.96 0.54 14.40
C LEU A 137 -4.71 1.02 12.97
N VAL A 138 -3.46 1.32 12.66
CA VAL A 138 -3.17 1.87 11.35
C VAL A 138 -3.37 0.80 10.28
N SER A 139 -2.91 -0.42 10.57
CA SER A 139 -3.02 -1.44 9.54
C SER A 139 -4.50 -1.77 9.30
N SER A 140 -5.27 -2.03 10.36
CA SER A 140 -6.67 -2.38 10.14
C SER A 140 -7.42 -1.25 9.46
N LEU A 141 -7.08 -0.01 9.78
CA LEU A 141 -7.68 1.13 9.10
C LEU A 141 -7.35 1.08 7.62
N GLY A 142 -6.10 0.79 7.31
CA GLY A 142 -5.71 0.63 5.91
C GLY A 142 -6.63 -0.37 5.24
N GLN A 143 -6.86 -1.50 5.90
CA GLN A 143 -7.80 -2.48 5.39
C GLN A 143 -9.17 -1.83 5.13
N LYS A 144 -9.81 -1.35 6.19
CA LYS A 144 -11.14 -0.73 6.08
C LYS A 144 -11.26 0.20 4.86
N LEU A 145 -10.40 1.20 4.77
CA LEU A 145 -10.45 2.13 3.65
C LEU A 145 -10.41 1.42 2.30
N ALA A 146 -9.50 0.46 2.17
CA ALA A 146 -9.37 -0.31 0.93
C ALA A 146 -10.72 -0.94 0.57
N GLU A 147 -11.27 -1.60 1.57
CA GLU A 147 -12.46 -2.39 1.39
C GLU A 147 -13.71 -1.66 1.01
N GLY A 148 -14.02 -0.61 1.70
CA GLY A 148 -15.24 0.05 1.35
C GLY A 148 -15.17 0.60 -0.03
N GLU A 149 -14.06 1.24 -0.28
CA GLU A 149 -13.87 1.91 -1.51
C GLU A 149 -13.75 0.95 -2.70
N LEU A 150 -13.61 -0.32 -2.40
CA LEU A 150 -13.60 -1.36 -3.41
C LEU A 150 -15.05 -1.85 -3.64
N LEU A 151 -15.89 -1.50 -2.68
CA LEU A 151 -17.33 -1.67 -2.56
C LEU A 151 -18.04 -0.64 -3.41
N GLN A 152 -17.54 0.60 -3.36
CA GLN A 152 -18.15 1.66 -4.14
C GLN A 152 -18.07 1.33 -5.62
N LEU A 153 -16.93 0.79 -6.03
CA LEU A 153 -16.70 0.39 -7.41
C LEU A 153 -17.62 -0.74 -7.88
N SER A 154 -17.86 -1.72 -7.00
CA SER A 154 -18.69 -2.88 -7.38
C SER A 154 -20.19 -2.75 -7.09
N ASN A 155 -20.60 -1.61 -6.55
CA ASN A 155 -21.99 -1.38 -6.18
C ASN A 155 -22.96 -2.11 -7.10
N VAL A 156 -23.75 -3.00 -6.52
CA VAL A 156 -24.73 -3.78 -7.29
C VAL A 156 -26.12 -3.18 -7.17
N SER A 157 -26.47 -2.74 -5.95
CA SER A 157 -27.78 -2.15 -5.70
C SER A 157 -27.64 -0.70 -5.24
N ASN A 158 -28.40 0.18 -5.87
CA ASN A 158 -28.36 1.61 -5.52
C ASN A 158 -27.68 1.85 -4.18
N PHE A 161 -30.70 6.35 -0.71
CA PHE A 161 -31.31 7.67 -0.51
C PHE A 161 -31.60 7.94 0.96
N SER A 162 -31.11 7.06 1.83
CA SER A 162 -31.23 7.24 3.26
C SER A 162 -29.99 7.96 3.79
N GLU A 163 -30.20 8.82 4.78
CA GLU A 163 -29.08 9.41 5.50
C GLU A 163 -28.25 8.25 6.08
N GLU A 164 -28.93 7.26 6.66
CA GLU A 164 -28.23 6.14 7.26
C GLU A 164 -27.08 5.64 6.38
N VAL A 165 -27.34 5.47 5.09
CA VAL A 165 -26.27 4.99 4.22
C VAL A 165 -25.18 6.05 4.08
N TYR A 166 -25.59 7.31 4.08
CA TYR A 166 -24.68 8.42 3.90
C TYR A 166 -23.71 8.50 5.08
N PHE A 167 -24.26 8.38 6.29
CA PHE A 167 -23.49 8.45 7.51
C PHE A 167 -22.59 7.25 7.72
N ASP A 168 -23.12 6.08 7.37
CA ASP A 168 -22.33 4.87 7.42
C ASP A 168 -21.06 5.01 6.59
N VAL A 169 -21.19 5.59 5.39
CA VAL A 169 -20.05 5.76 4.50
C VAL A 169 -19.03 6.73 5.08
N ILE A 170 -19.50 7.87 5.59
CA ILE A 170 -18.64 8.80 6.29
C ILE A 170 -17.92 8.14 7.49
N ARG A 171 -18.62 7.37 8.29
CA ARG A 171 -18.02 6.71 9.43
C ARG A 171 -16.96 5.75 9.00
N LYS A 172 -17.13 5.16 7.83
CA LYS A 172 -16.16 4.22 7.32
C LYS A 172 -15.01 4.84 6.58
N LYS A 173 -15.06 6.12 6.31
CA LYS A 173 -13.98 6.76 5.60
C LYS A 173 -13.38 8.00 6.25
N THR A 174 -13.91 9.17 5.96
CA THR A 174 -13.34 10.37 6.52
C THR A 174 -13.36 10.44 8.01
N ALA A 175 -14.46 10.08 8.61
CA ALA A 175 -14.59 10.10 10.06
C ALA A 175 -13.79 8.97 10.68
N ALA A 176 -13.58 7.90 9.92
CA ALA A 176 -12.75 6.78 10.39
C ALA A 176 -11.33 7.27 10.56
N LEU A 177 -10.88 8.13 9.65
CA LEU A 177 -9.54 8.70 9.74
C LEU A 177 -9.40 9.64 10.94
N PHE A 178 -10.34 10.58 11.09
CA PHE A 178 -10.31 11.47 12.25
C PHE A 178 -10.39 10.67 13.58
N ALA A 179 -11.24 9.66 13.64
CA ALA A 179 -11.33 8.81 14.84
C ALA A 179 -10.00 8.12 15.09
N ALA A 180 -9.38 7.62 14.01
CA ALA A 180 -8.11 6.95 14.12
C ALA A 180 -7.06 7.92 14.66
N CYS A 181 -7.06 9.15 14.15
CA CYS A 181 -6.11 10.13 14.64
C CYS A 181 -6.21 10.32 16.15
N ALA A 182 -7.42 10.57 16.63
CA ALA A 182 -7.64 10.81 18.04
C ALA A 182 -7.30 9.55 18.87
N GLU A 183 -7.79 8.39 18.44
CA GLU A 183 -7.52 7.12 19.11
C GLU A 183 -6.03 6.84 19.25
N ALA A 184 -5.31 7.00 18.14
CA ALA A 184 -3.86 6.86 18.13
C ALA A 184 -3.20 7.87 19.06
N ALA A 185 -3.73 9.09 19.09
CA ALA A 185 -3.18 10.11 19.99
C ALA A 185 -3.17 9.59 21.43
N ALA A 186 -4.29 9.01 21.87
CA ALA A 186 -4.42 8.47 23.25
C ALA A 186 -3.54 7.23 23.52
N LEU A 187 -3.59 6.24 22.65
CA LEU A 187 -2.67 5.12 22.76
C LEU A 187 -1.21 5.57 22.89
N SER A 188 -0.84 6.63 22.17
CA SER A 188 0.56 7.06 22.12
C SER A 188 1.08 7.59 23.45
N VAL A 189 0.17 8.00 24.33
CA VAL A 189 0.53 8.48 25.67
C VAL A 189 0.09 7.45 26.71
N GLN A 190 -0.35 6.31 26.22
CA GLN A 190 -0.54 5.14 27.08
C GLN A 190 -1.57 5.31 28.18
N VAL A 191 -2.73 5.88 27.87
CA VAL A 191 -3.79 5.95 28.86
C VAL A 191 -4.71 4.74 28.76
N GLY A 192 -5.67 4.63 29.67
CA GLY A 192 -6.54 3.46 29.71
C GLY A 192 -7.50 3.32 28.52
N GLU A 193 -8.17 2.17 28.47
CA GLU A 193 -9.10 1.84 27.39
C GLU A 193 -10.25 2.83 27.23
N GLU A 194 -10.76 3.33 28.35
CA GLU A 194 -11.90 4.25 28.29
C GLU A 194 -11.49 5.60 27.70
N GLU A 195 -10.29 6.05 28.02
CA GLU A 195 -9.81 7.32 27.48
C GLU A 195 -9.56 7.18 25.99
N VAL A 196 -8.97 6.06 25.59
CA VAL A 196 -8.80 5.72 24.17
C VAL A 196 -10.16 5.67 23.47
N ALA A 197 -11.14 5.02 24.11
CA ALA A 197 -12.49 4.95 23.56
C ALA A 197 -13.13 6.34 23.52
N PHE A 198 -12.87 7.12 24.56
CA PHE A 198 -13.37 8.49 24.60
C PHE A 198 -12.79 9.33 23.45
N ALA A 199 -11.49 9.15 23.17
CA ALA A 199 -10.81 9.92 22.14
C ALA A 199 -11.33 9.53 20.77
N ARG A 200 -11.51 8.23 20.55
CA ARG A 200 -12.04 7.72 19.28
C ARG A 200 -13.40 8.32 18.93
N LEU A 201 -14.35 8.26 19.86
CA LEU A 201 -15.66 8.89 19.65
C LEU A 201 -15.56 10.40 19.36
N LEU A 202 -14.81 11.11 20.19
CA LEU A 202 -14.48 12.50 19.91
C LEU A 202 -14.04 12.71 18.46
N GLY A 203 -13.03 11.96 18.02
CA GLY A 203 -12.50 12.18 16.70
C GLY A 203 -13.54 11.84 15.65
N GLU A 204 -14.34 10.83 15.95
CA GLU A 204 -15.37 10.45 15.00
C GLU A 204 -16.38 11.58 14.87
N TYR A 205 -16.84 12.14 16.00
CA TYR A 205 -17.79 13.24 15.89
C TYR A 205 -17.20 14.38 15.07
N ILE A 206 -15.93 14.67 15.30
CA ILE A 206 -15.25 15.76 14.61
C ILE A 206 -15.14 15.49 13.10
N GLY A 207 -14.75 14.26 12.77
CA GLY A 207 -14.67 13.81 11.39
C GLY A 207 -16.01 13.91 10.67
N ILE A 208 -17.11 13.63 11.39
CA ILE A 208 -18.44 13.76 10.77
C ILE A 208 -18.82 15.22 10.51
N CYS A 209 -18.58 16.13 11.46
CA CYS A 209 -18.81 17.55 11.21
C CYS A 209 -17.98 18.01 10.00
N PHE A 210 -16.73 17.63 9.99
CA PHE A 210 -15.81 18.01 8.95
C PHE A 210 -16.33 17.56 7.58
N GLN A 211 -16.70 16.29 7.47
CA GLN A 211 -17.15 15.73 6.19
C GLN A 211 -18.43 16.37 5.67
N ILE A 212 -19.41 16.58 6.56
CA ILE A 212 -20.65 17.23 6.20
C ILE A 212 -20.40 18.67 5.77
N LYS A 213 -19.53 19.37 6.49
CA LYS A 213 -19.10 20.71 6.08
C LYS A 213 -18.62 20.72 4.64
N ASP A 214 -17.73 19.80 4.31
CA ASP A 214 -17.20 19.70 2.96
C ASP A 214 -18.28 19.42 1.92
N ASP A 215 -19.23 18.56 2.26
CA ASP A 215 -20.30 18.21 1.32
C ASP A 215 -21.15 19.43 0.98
N ILE A 216 -21.36 20.30 1.96
CA ILE A 216 -22.11 21.52 1.73
C ILE A 216 -21.39 22.44 0.74
N PHE A 217 -20.09 22.61 0.91
CA PHE A 217 -19.29 23.42 0.00
C PHE A 217 -19.60 23.10 -1.46
N ASP A 218 -19.83 21.83 -1.78
CA ASP A 218 -20.04 21.42 -3.17
C ASP A 218 -21.27 22.08 -3.81
N TYR A 219 -22.21 22.52 -2.99
CA TYR A 219 -23.40 23.19 -3.50
C TYR A 219 -23.15 24.68 -3.76
N PHE A 220 -21.88 25.07 -3.93
CA PHE A 220 -21.51 26.48 -4.12
C PHE A 220 -20.28 26.66 -5.01
N ASP A 221 -20.20 27.80 -5.66
CA ASP A 221 -19.18 28.05 -6.69
C ASP A 221 -17.76 28.23 -6.17
N SER A 222 -17.56 29.23 -5.32
CA SER A 222 -16.23 29.58 -4.82
C SER A 222 -15.15 29.19 -5.83
N THR A 229 -18.49 23.30 -9.35
CA THR A 229 -19.69 23.31 -8.52
C THR A 229 -20.61 22.13 -8.84
N GLY A 230 -21.04 21.44 -7.80
CA GLY A 230 -21.90 20.26 -7.96
C GLY A 230 -21.11 19.00 -8.27
N ASN A 231 -19.82 19.05 -7.98
CA ASN A 231 -18.93 17.96 -8.36
C ASN A 231 -19.32 16.57 -7.83
N ASP A 232 -19.63 16.48 -6.54
CA ASP A 232 -19.96 15.18 -5.94
C ASP A 232 -21.06 14.46 -6.72
N MET A 233 -21.99 15.23 -7.29
CA MET A 233 -23.06 14.66 -8.11
C MET A 233 -22.51 14.08 -9.42
N LEU A 234 -21.65 14.84 -10.09
CA LEU A 234 -21.00 14.38 -11.32
C LEU A 234 -20.33 13.03 -11.09
N GLU A 235 -19.93 12.79 -9.84
CA GLU A 235 -19.23 11.56 -9.52
C GLU A 235 -20.18 10.49 -9.02
N GLY A 236 -21.44 10.86 -8.81
CA GLY A 236 -22.48 9.89 -8.49
C GLY A 236 -23.07 10.01 -7.09
N LYS A 237 -22.68 11.06 -6.38
CA LYS A 237 -23.00 11.17 -4.96
C LYS A 237 -24.14 12.13 -4.63
N LEU A 238 -25.04 11.67 -3.78
CA LEU A 238 -26.08 12.52 -3.20
C LEU A 238 -25.81 12.70 -1.70
N THR A 239 -25.41 13.91 -1.33
CA THR A 239 -25.00 14.18 0.05
C THR A 239 -26.16 14.73 0.89
N LEU A 240 -25.91 14.91 2.18
CA LEU A 240 -26.99 15.15 3.13
C LEU A 240 -28.04 16.14 2.65
N PRO A 241 -27.61 17.30 2.15
CA PRO A 241 -28.58 18.34 1.80
C PRO A 241 -29.60 17.83 0.76
N ALA A 242 -29.10 17.30 -0.34
CA ALA A 242 -29.96 16.72 -1.37
C ALA A 242 -30.87 15.68 -0.75
N LEU A 243 -30.28 14.65 -0.15
CA LEU A 243 -31.04 13.59 0.49
C LEU A 243 -32.18 14.18 1.30
N TYR A 244 -31.91 15.26 2.01
CA TYR A 244 -32.93 15.85 2.85
C TYR A 244 -34.11 16.40 2.04
N ALA A 245 -33.80 17.09 0.95
CA ALA A 245 -34.82 17.73 0.12
C ALA A 245 -35.73 16.68 -0.51
N LEU A 246 -35.14 15.60 -0.98
CA LEU A 246 -35.90 14.53 -1.55
C LEU A 246 -36.79 13.86 -0.55
N ASN A 247 -36.26 13.57 0.61
CA ASN A 247 -37.08 12.88 1.55
C ASN A 247 -38.25 13.70 1.96
N THR A 248 -38.02 14.95 2.25
CA THR A 248 -39.12 15.77 2.65
C THR A 248 -40.05 16.10 1.51
N THR A 249 -39.52 16.62 0.41
CA THR A 249 -40.39 16.93 -0.72
C THR A 249 -40.91 15.74 -1.54
N LYS A 250 -40.04 14.85 -2.00
CA LYS A 250 -40.57 13.74 -2.78
C LYS A 250 -41.18 14.05 -4.16
N ASP A 251 -40.78 15.16 -4.80
CA ASP A 251 -41.31 15.47 -6.13
C ASP A 251 -40.76 14.43 -7.10
N ALA A 252 -41.54 14.01 -8.10
CA ALA A 252 -41.02 13.00 -9.01
C ALA A 252 -39.92 13.53 -9.92
N TRP A 253 -39.98 14.83 -10.23
CA TRP A 253 -38.95 15.42 -11.08
C TRP A 253 -37.60 15.29 -10.39
N ALA A 254 -37.56 15.65 -9.12
CA ALA A 254 -36.37 15.50 -8.30
C ALA A 254 -35.99 14.03 -8.20
N GLU A 255 -36.89 13.21 -7.65
CA GLU A 255 -36.61 11.79 -7.52
C GLU A 255 -36.00 11.28 -8.83
N GLN A 256 -36.21 12.04 -9.90
CA GLN A 256 -35.86 11.57 -11.24
C GLN A 256 -34.43 11.95 -11.61
N ILE A 257 -34.08 13.22 -11.44
CA ILE A 257 -32.72 13.69 -11.68
C ILE A 257 -31.74 12.98 -10.75
N ALA A 258 -32.22 12.64 -9.56
CA ALA A 258 -31.41 11.92 -8.58
C ALA A 258 -31.07 10.53 -9.11
N PHE A 259 -32.08 9.84 -9.63
CA PHE A 259 -31.87 8.57 -10.30
C PHE A 259 -30.75 8.73 -11.32
N LYS A 260 -30.77 9.85 -12.04
CA LYS A 260 -29.78 10.14 -13.08
C LYS A 260 -28.37 10.39 -12.56
N VAL A 261 -28.29 11.10 -11.43
CA VAL A 261 -27.00 11.38 -10.80
C VAL A 261 -26.32 10.08 -10.38
N LYS A 262 -27.05 9.27 -9.62
CA LYS A 262 -26.55 7.97 -9.19
C LYS A 262 -26.23 7.10 -10.41
N GLU A 263 -27.08 7.17 -11.42
CA GLU A 263 -26.95 6.33 -12.59
C GLU A 263 -25.71 6.70 -13.41
N GLY A 264 -25.18 7.88 -13.12
CA GLY A 264 -24.04 8.41 -13.83
C GLY A 264 -24.53 9.08 -15.08
N THR A 265 -25.84 9.11 -15.25
CA THR A 265 -26.47 9.69 -16.41
C THR A 265 -26.96 11.11 -16.33
N ALA A 266 -26.88 11.76 -15.20
CA ALA A 266 -27.38 13.11 -15.16
C ALA A 266 -26.50 14.00 -15.99
N THR A 267 -26.99 15.18 -16.34
CA THR A 267 -26.23 16.12 -17.14
C THR A 267 -25.72 17.29 -16.30
N PRO A 268 -24.58 17.85 -16.71
CA PRO A 268 -23.98 18.98 -15.98
C PRO A 268 -25.00 20.07 -15.70
N ASP A 269 -25.98 20.22 -16.59
CA ASP A 269 -27.02 21.24 -16.43
C ASP A 269 -28.06 20.81 -15.40
N GLU A 270 -28.48 19.54 -15.48
CA GLU A 270 -29.47 19.01 -14.55
C GLU A 270 -28.99 19.12 -13.11
N ILE A 271 -27.70 18.87 -12.90
CA ILE A 271 -27.12 18.94 -11.57
C ILE A 271 -27.29 20.34 -10.95
N VAL A 272 -26.96 21.37 -11.73
CA VAL A 272 -27.14 22.75 -11.26
C VAL A 272 -28.56 22.95 -10.77
N ARG A 273 -29.49 22.26 -11.42
CA ARG A 273 -30.91 22.43 -11.11
C ARG A 273 -31.31 21.70 -9.85
N LEU A 274 -30.83 20.46 -9.70
CA LEU A 274 -31.09 19.70 -8.48
C LEU A 274 -30.41 20.38 -7.28
N ILE A 275 -29.15 20.76 -7.46
CA ILE A 275 -28.47 21.60 -6.47
C ILE A 275 -29.36 22.76 -6.06
N GLU A 276 -29.86 23.53 -7.04
CA GLU A 276 -30.74 24.66 -6.74
C GLU A 276 -32.05 24.23 -6.09
N PHE A 277 -32.63 23.15 -6.59
CA PHE A 277 -33.83 22.63 -5.96
C PHE A 277 -33.55 22.35 -4.48
N THR A 278 -32.40 21.76 -4.22
CA THR A 278 -31.99 21.45 -2.86
C THR A 278 -32.05 22.71 -1.99
N LYS A 279 -31.30 23.74 -2.37
CA LYS A 279 -31.27 24.96 -1.57
C LYS A 279 -32.67 25.43 -1.26
N ASP A 280 -33.44 25.70 -2.31
CA ASP A 280 -34.80 26.19 -2.17
C ASP A 280 -35.61 25.33 -1.21
N ASN A 281 -35.23 24.05 -1.07
CA ASN A 281 -36.00 23.14 -0.23
C ASN A 281 -35.41 22.86 1.16
N GLY A 282 -34.50 23.71 1.60
CA GLY A 282 -33.93 23.62 2.96
C GLY A 282 -32.91 22.52 3.20
N GLY A 283 -32.24 22.07 2.14
CA GLY A 283 -31.21 21.05 2.25
C GLY A 283 -30.02 21.53 3.07
N ILE A 284 -29.62 22.77 2.85
CA ILE A 284 -28.47 23.33 3.56
C ILE A 284 -28.78 23.55 5.04
N GLU A 285 -29.83 24.33 5.33
CA GLU A 285 -30.19 24.62 6.71
C GLU A 285 -30.23 23.34 7.53
N TYR A 286 -30.61 22.25 6.90
CA TYR A 286 -30.73 20.98 7.60
C TYR A 286 -29.39 20.29 7.82
N ALA A 287 -28.49 20.41 6.83
CA ALA A 287 -27.16 19.85 6.94
C ALA A 287 -26.43 20.60 8.05
N CYS A 288 -26.55 21.93 8.04
CA CYS A 288 -26.05 22.78 9.13
C CYS A 288 -26.65 22.45 10.51
N ARG A 289 -27.93 22.10 10.57
CA ARG A 289 -28.52 21.70 11.84
C ARG A 289 -27.94 20.37 12.35
N THR A 290 -27.65 19.47 11.42
CA THR A 290 -27.07 18.19 11.77
C THR A 290 -25.64 18.36 12.32
N ILE A 291 -24.83 19.15 11.60
CA ILE A 291 -23.50 19.52 12.08
C ILE A 291 -23.56 20.00 13.53
N GLU A 292 -24.53 20.86 13.82
CA GLU A 292 -24.72 21.44 15.15
C GLU A 292 -24.99 20.33 16.17
N GLN A 293 -25.78 19.34 15.79
CA GLN A 293 -26.06 18.23 16.68
C GLN A 293 -24.78 17.47 17.02
N TYR A 294 -23.96 17.16 16.01
CA TYR A 294 -22.72 16.42 16.26
C TYR A 294 -21.69 17.24 17.02
N LYS A 295 -21.69 18.53 16.77
CA LYS A 295 -20.82 19.45 17.49
C LYS A 295 -21.20 19.46 18.96
N LYS A 296 -22.49 19.45 19.23
CA LYS A 296 -22.93 19.45 20.62
C LYS A 296 -22.59 18.11 21.27
N LYS A 297 -22.74 17.02 20.51
CA LYS A 297 -22.35 15.71 21.03
C LYS A 297 -20.88 15.74 21.44
N ALA A 298 -20.07 16.43 20.62
CA ALA A 298 -18.64 16.52 20.87
C ALA A 298 -18.36 17.37 22.11
N PHE A 299 -19.02 18.53 22.22
CA PHE A 299 -18.84 19.41 23.37
C PHE A 299 -19.27 18.73 24.66
N ASP A 300 -20.42 18.06 24.60
CA ASP A 300 -20.90 17.30 25.73
C ASP A 300 -19.89 16.24 26.14
N LEU A 301 -19.19 15.65 25.16
CA LEU A 301 -18.17 14.65 25.49
C LEU A 301 -17.03 15.31 26.24
N LEU A 302 -16.56 16.45 25.73
CA LEU A 302 -15.47 17.21 26.36
C LEU A 302 -15.79 17.73 27.77
N ALA A 303 -17.07 17.91 28.08
CA ALA A 303 -17.47 18.43 29.40
C ALA A 303 -17.12 17.47 30.55
N ALA A 304 -16.69 16.26 30.24
CA ALA A 304 -16.27 15.31 31.28
C ALA A 304 -14.83 15.60 31.72
N LEU A 305 -14.11 16.39 30.93
CA LEU A 305 -12.74 16.76 31.25
C LEU A 305 -12.75 18.07 32.04
N PRO A 306 -11.77 18.26 32.94
CA PRO A 306 -11.59 19.57 33.57
C PRO A 306 -11.14 20.55 32.50
N ASP A 307 -11.46 21.83 32.64
CA ASP A 307 -10.98 22.76 31.62
C ASP A 307 -9.48 22.94 31.72
N SER A 308 -8.88 23.32 30.60
CA SER A 308 -7.46 23.46 30.46
C SER A 308 -7.28 24.26 29.19
N ASN A 309 -6.04 24.65 28.89
CA ASN A 309 -5.74 25.33 27.66
C ASN A 309 -5.96 24.38 26.48
N ILE A 310 -5.78 23.08 26.75
CA ILE A 310 -5.97 22.06 25.71
C ILE A 310 -7.46 21.88 25.40
N CYS A 311 -8.29 21.73 26.44
CA CYS A 311 -9.74 21.68 26.25
C CYS A 311 -10.21 22.89 25.46
N LEU A 312 -9.72 24.07 25.83
CA LEU A 312 -10.16 25.31 25.20
C LEU A 312 -9.71 25.32 23.73
N ALA A 313 -8.51 24.83 23.50
CA ALA A 313 -7.98 24.73 22.15
C ALA A 313 -8.85 23.81 21.26
N LEU A 314 -9.26 22.67 21.81
CA LEU A 314 -10.17 21.75 21.11
C LEU A 314 -11.55 22.35 20.83
N ARG A 315 -12.13 23.04 21.81
CA ARG A 315 -13.40 23.68 21.54
C ARG A 315 -13.25 24.69 20.39
N THR A 316 -12.17 25.46 20.39
CA THR A 316 -11.92 26.44 19.33
C THR A 316 -11.66 25.73 17.99
N TYR A 317 -10.87 24.68 18.01
CA TYR A 317 -10.69 23.85 16.82
C TYR A 317 -12.05 23.45 16.24
N LEU A 318 -12.94 22.95 17.09
CA LEU A 318 -14.20 22.43 16.58
C LEU A 318 -15.12 23.56 16.10
N ASP A 319 -15.06 24.72 16.76
CA ASP A 319 -15.80 25.90 16.28
C ASP A 319 -15.29 26.34 14.91
N TYR A 320 -13.99 26.24 14.72
CA TYR A 320 -13.35 26.70 13.49
C TYR A 320 -13.67 25.76 12.33
N VAL A 321 -13.69 24.46 12.61
CA VAL A 321 -14.17 23.49 11.63
C VAL A 321 -15.59 23.87 11.19
N VAL A 322 -16.55 23.75 12.11
CA VAL A 322 -17.93 24.13 11.83
C VAL A 322 -18.09 25.49 11.12
N ALA A 323 -17.62 26.55 11.76
CA ALA A 323 -17.77 27.92 11.25
C ALA A 323 -17.10 28.12 9.89
N ARG A 324 -16.16 27.25 9.56
CA ARG A 324 -15.44 27.36 8.29
C ARG A 324 -16.41 27.44 7.11
N GLU A 325 -16.14 28.35 6.16
CA GLU A 325 -16.98 28.49 4.97
C GLU A 325 -16.22 29.00 3.75
N LEU B 3 6.31 -35.32 -9.13
CA LEU B 3 6.15 -35.25 -7.65
C LEU B 3 7.20 -36.08 -6.90
N ASP B 4 8.44 -36.03 -7.41
CA ASP B 4 9.55 -36.75 -6.78
C ASP B 4 10.51 -35.79 -6.05
N SER B 5 11.10 -34.87 -6.80
CA SER B 5 11.85 -33.78 -6.19
C SER B 5 10.94 -33.06 -5.20
N ILE B 6 9.71 -32.81 -5.64
CA ILE B 6 8.73 -32.14 -4.81
C ILE B 6 8.53 -32.83 -3.45
N SER B 7 8.59 -34.16 -3.44
CA SER B 7 8.34 -34.88 -2.21
C SER B 7 9.45 -34.68 -1.15
N LEU B 8 10.70 -34.66 -1.61
CA LEU B 8 11.85 -34.35 -0.76
C LEU B 8 11.78 -32.95 -0.15
N ILE B 9 11.20 -32.01 -0.88
CA ILE B 9 11.03 -30.64 -0.40
C ILE B 9 9.85 -30.50 0.56
N LYS B 10 8.69 -31.04 0.18
CA LYS B 10 7.46 -30.76 0.90
C LYS B 10 7.23 -31.63 2.13
N THR B 11 7.70 -32.87 2.08
CA THR B 11 7.38 -33.80 3.15
C THR B 11 7.76 -33.34 4.55
N PRO B 12 8.98 -32.81 4.71
CA PRO B 12 9.39 -32.39 6.07
C PRO B 12 8.47 -31.30 6.64
N ILE B 13 7.78 -30.56 5.77
CA ILE B 13 6.93 -29.48 6.26
C ILE B 13 5.50 -29.58 5.76
N GLU B 14 5.05 -30.81 5.51
CA GLU B 14 3.72 -31.04 4.99
C GLU B 14 2.63 -30.47 5.90
N ALA B 15 2.76 -30.73 7.20
CA ALA B 15 1.80 -30.23 8.18
C ALA B 15 1.78 -28.71 8.23
N GLU B 16 2.94 -28.07 8.30
CA GLU B 16 2.93 -26.63 8.38
C GLU B 16 2.54 -25.98 7.05
N LEU B 17 2.72 -26.71 5.96
CA LEU B 17 2.22 -26.20 4.67
C LEU B 17 0.71 -26.07 4.68
N GLU B 18 0.03 -27.11 5.12
CA GLU B 18 -1.41 -27.01 5.31
C GLU B 18 -1.73 -25.76 6.11
N ASP B 19 -1.24 -25.72 7.35
CA ASP B 19 -1.51 -24.58 8.23
C ASP B 19 -1.37 -23.28 7.48
N PHE B 20 -0.30 -23.17 6.69
CA PHE B 20 -0.06 -21.93 5.99
C PHE B 20 -1.21 -21.64 5.04
N LYS B 21 -1.48 -22.58 4.14
CA LYS B 21 -2.60 -22.47 3.21
C LYS B 21 -3.90 -22.10 3.92
N ALA B 22 -4.17 -22.75 5.05
CA ALA B 22 -5.35 -22.43 5.83
C ALA B 22 -5.32 -20.95 6.20
N LEU B 23 -4.23 -20.52 6.82
CA LEU B 23 -4.11 -19.13 7.24
C LEU B 23 -4.14 -18.17 6.04
N PHE B 24 -3.71 -18.65 4.88
CA PHE B 24 -3.68 -17.80 3.70
C PHE B 24 -5.08 -17.40 3.23
N ASP B 25 -5.98 -18.38 3.11
CA ASP B 25 -7.40 -18.13 2.77
C ASP B 25 -7.99 -16.94 3.51
N ALA B 33 -19.34 -7.49 -2.74
CA ALA B 33 -18.98 -7.70 -4.14
C ALA B 33 -17.47 -7.86 -4.30
N LEU B 34 -16.72 -7.08 -3.54
CA LEU B 34 -15.26 -7.11 -3.60
C LEU B 34 -14.69 -8.53 -3.63
N LEU B 35 -14.84 -9.25 -2.53
CA LEU B 35 -14.32 -10.62 -2.42
C LEU B 35 -14.42 -11.39 -3.73
N ASP B 36 -15.39 -11.00 -4.56
CA ASP B 36 -15.63 -11.69 -5.83
C ASP B 36 -14.69 -11.20 -6.93
N SER B 37 -14.17 -9.99 -6.77
CA SER B 37 -13.22 -9.43 -7.72
C SER B 37 -11.79 -9.51 -7.17
N VAL B 38 -11.67 -9.84 -5.89
CA VAL B 38 -10.37 -10.09 -5.26
C VAL B 38 -9.92 -11.52 -5.52
N ILE B 39 -10.88 -12.43 -5.58
CA ILE B 39 -10.57 -13.85 -5.76
C ILE B 39 -10.51 -14.20 -7.25
N THR B 40 -10.99 -13.30 -8.11
CA THR B 40 -10.89 -13.49 -9.56
C THR B 40 -9.52 -13.06 -10.08
N HIS B 41 -9.05 -11.90 -9.65
CA HIS B 41 -7.68 -11.48 -9.94
C HIS B 41 -6.69 -12.40 -9.20
N ILE B 42 -7.14 -12.95 -8.07
CA ILE B 42 -6.32 -13.88 -7.32
C ILE B 42 -6.14 -15.13 -8.18
N ARG B 43 -7.10 -15.36 -9.07
CA ARG B 43 -7.05 -16.52 -9.97
C ARG B 43 -6.36 -16.18 -11.29
N LYS B 44 -6.20 -14.89 -11.57
CA LYS B 44 -5.50 -14.43 -12.78
C LYS B 44 -3.99 -14.51 -12.61
N ARG B 45 -3.52 -14.26 -11.39
CA ARG B 45 -2.09 -14.33 -11.09
C ARG B 45 -1.64 -15.78 -10.88
N ASN B 46 -2.20 -16.43 -9.86
CA ASN B 46 -1.86 -17.83 -9.58
C ASN B 46 -1.05 -18.47 -10.70
N MET B 49 4.06 -22.09 -4.61
CA MET B 49 4.35 -21.56 -3.27
C MET B 49 5.85 -21.61 -2.97
N MET B 50 6.64 -21.16 -3.93
CA MET B 50 8.09 -21.11 -3.77
C MET B 50 8.51 -20.38 -2.49
N ARG B 51 7.89 -19.24 -2.23
CA ARG B 51 8.31 -18.38 -1.12
C ARG B 51 7.94 -18.90 0.28
N PRO B 52 6.69 -19.35 0.46
CA PRO B 52 6.20 -19.93 1.72
C PRO B 52 6.97 -21.18 2.12
N ILE B 53 7.22 -22.04 1.16
CA ILE B 53 8.07 -23.19 1.37
C ILE B 53 9.43 -22.76 1.94
N LEU B 54 10.02 -21.73 1.33
CA LEU B 54 11.34 -21.25 1.76
C LEU B 54 11.24 -20.80 3.21
N VAL B 55 10.18 -20.09 3.54
CA VAL B 55 9.98 -19.60 4.89
C VAL B 55 9.89 -20.74 5.88
N LEU B 56 9.11 -21.77 5.57
CA LEU B 56 8.90 -22.88 6.49
C LEU B 56 10.18 -23.69 6.66
N LEU B 57 10.90 -23.90 5.57
CA LEU B 57 12.14 -24.67 5.63
C LEU B 57 13.22 -23.94 6.43
N VAL B 58 13.42 -22.64 6.16
CA VAL B 58 14.40 -21.89 6.92
C VAL B 58 14.09 -21.91 8.42
N ALA B 59 12.83 -21.72 8.79
CA ALA B 59 12.46 -21.76 10.20
C ALA B 59 12.81 -23.12 10.79
N ARG B 60 12.47 -24.16 10.07
CA ARG B 60 12.71 -25.51 10.56
C ARG B 60 14.19 -25.77 10.79
N LEU B 61 15.05 -25.07 10.04
CA LEU B 61 16.50 -25.21 10.28
C LEU B 61 16.84 -24.87 11.71
N TYR B 62 15.99 -24.07 12.35
CA TYR B 62 16.31 -23.44 13.62
C TYR B 62 15.46 -23.95 14.78
N GLY B 63 14.20 -24.28 14.50
CA GLY B 63 13.33 -24.81 15.51
C GLY B 63 11.99 -25.12 14.89
N ALA B 64 10.96 -25.22 15.73
CA ALA B 64 9.62 -25.53 15.26
C ALA B 64 8.94 -24.28 14.69
N VAL B 65 8.16 -24.46 13.63
CA VAL B 65 7.38 -23.39 13.05
C VAL B 65 6.38 -22.79 14.09
N THR B 66 6.37 -21.46 14.21
CA THR B 66 5.44 -20.79 15.12
C THR B 66 4.34 -20.12 14.32
N PRO B 67 3.30 -19.64 15.03
CA PRO B 67 2.26 -18.87 14.36
C PRO B 67 2.87 -17.59 13.78
N ALA B 68 3.85 -17.02 14.49
CA ALA B 68 4.61 -15.91 13.94
C ALA B 68 5.17 -16.29 12.57
N THR B 69 5.73 -17.49 12.46
CA THR B 69 6.27 -17.98 11.18
C THR B 69 5.21 -17.90 10.08
N LEU B 70 4.06 -18.50 10.33
CA LEU B 70 2.97 -18.51 9.36
C LEU B 70 2.47 -17.11 8.96
N HIS B 71 2.31 -16.22 9.94
CA HIS B 71 1.84 -14.88 9.63
C HIS B 71 2.88 -14.15 8.78
N ALA B 72 4.15 -14.38 9.08
CA ALA B 72 5.21 -13.81 8.27
C ALA B 72 5.10 -14.25 6.81
N ALA B 73 4.88 -15.55 6.58
CA ALA B 73 4.76 -16.08 5.23
C ALA B 73 3.56 -15.49 4.50
N VAL B 74 2.41 -15.50 5.16
CA VAL B 74 1.22 -14.92 4.56
C VAL B 74 1.48 -13.45 4.25
N SER B 75 1.95 -12.72 5.27
CA SER B 75 2.30 -11.32 5.11
C SER B 75 3.09 -11.06 3.83
N LEU B 76 4.23 -11.72 3.67
CA LEU B 76 5.12 -11.49 2.52
C LEU B 76 4.52 -11.97 1.22
N GLU B 77 3.84 -13.11 1.27
CA GLU B 77 3.23 -13.63 0.08
C GLU B 77 2.21 -12.61 -0.46
N LEU B 78 1.44 -11.99 0.44
CA LEU B 78 0.48 -10.94 0.04
C LEU B 78 1.16 -9.68 -0.47
N LEU B 79 2.23 -9.25 0.20
CA LEU B 79 3.02 -8.13 -0.30
C LEU B 79 3.44 -8.41 -1.75
N HIS B 80 3.94 -9.61 -1.99
CA HIS B 80 4.37 -9.99 -3.32
C HIS B 80 3.17 -9.92 -4.29
N THR B 81 2.03 -10.45 -3.88
CA THR B 81 0.87 -10.48 -4.77
C THR B 81 0.41 -9.08 -5.14
N ALA B 82 0.36 -8.17 -4.17
CA ALA B 82 -0.11 -6.81 -4.43
C ALA B 82 0.76 -6.04 -5.43
N SER B 83 2.08 -6.22 -5.35
CA SER B 83 2.95 -5.56 -6.31
C SER B 83 2.71 -6.13 -7.71
N LEU B 84 2.59 -7.46 -7.82
CA LEU B 84 2.20 -8.07 -9.09
C LEU B 84 0.90 -7.45 -9.60
N VAL B 85 -0.09 -7.32 -8.73
CA VAL B 85 -1.36 -6.75 -9.15
C VAL B 85 -1.21 -5.29 -9.53
N HIS B 86 -0.37 -4.54 -8.82
CA HIS B 86 -0.12 -3.14 -9.17
C HIS B 86 0.76 -3.02 -10.41
N ASP B 87 1.65 -3.98 -10.64
CA ASP B 87 2.51 -3.92 -11.81
C ASP B 87 1.71 -4.06 -13.12
N ASP B 88 0.43 -4.41 -13.01
CA ASP B 88 -0.42 -4.59 -14.18
C ASP B 88 -1.06 -3.30 -14.71
N VAL B 89 -0.76 -2.18 -14.07
CA VAL B 89 -1.17 -0.89 -14.60
C VAL B 89 -0.19 -0.50 -15.70
N VAL B 90 0.88 -1.28 -15.83
CA VAL B 90 1.92 -1.06 -16.85
C VAL B 90 1.36 -1.25 -18.26
N ALA B 104 -10.48 0.53 -20.57
CA ALA B 104 -9.22 1.04 -20.06
C ALA B 104 -9.31 1.28 -18.56
N ILE B 105 -10.18 2.22 -18.23
CA ILE B 105 -10.34 2.66 -16.87
C ILE B 105 -10.79 1.57 -15.92
N PHE B 106 -11.69 0.69 -16.30
CA PHE B 106 -12.10 -0.30 -15.34
C PHE B 106 -10.95 -1.21 -14.95
N ASN B 107 -10.16 -1.67 -15.90
CA ASN B 107 -9.07 -2.52 -15.47
C ASN B 107 -8.12 -1.71 -14.65
N ASN B 108 -7.84 -0.48 -15.03
CA ASN B 108 -6.92 0.21 -14.19
C ASN B 108 -7.46 0.37 -12.77
N LYS B 109 -8.72 0.71 -12.67
CA LYS B 109 -9.35 0.99 -11.42
C LYS B 109 -9.32 -0.22 -10.55
N VAL B 110 -9.45 -1.38 -11.17
CA VAL B 110 -9.57 -2.63 -10.46
C VAL B 110 -8.30 -3.09 -9.77
N SER B 111 -7.22 -3.08 -10.51
CA SER B 111 -5.95 -3.53 -9.96
C SER B 111 -5.50 -2.70 -8.75
N VAL B 112 -5.51 -1.37 -8.89
CA VAL B 112 -5.12 -0.48 -7.81
C VAL B 112 -5.84 -0.81 -6.50
N LEU B 113 -7.17 -0.84 -6.57
CA LEU B 113 -7.98 -1.07 -5.40
C LEU B 113 -7.70 -2.43 -4.80
N ALA B 114 -7.72 -3.46 -5.64
CA ALA B 114 -7.38 -4.81 -5.19
C ALA B 114 -5.98 -4.80 -4.59
N GLY B 115 -5.02 -4.32 -5.38
CA GLY B 115 -3.64 -4.21 -4.92
C GLY B 115 -3.59 -3.61 -3.53
N ASP B 116 -4.27 -2.46 -3.36
CA ASP B 116 -4.16 -1.71 -2.11
C ASP B 116 -4.69 -2.52 -0.93
N TYR B 117 -5.74 -3.28 -1.20
CA TYR B 117 -6.30 -4.19 -0.21
C TYR B 117 -5.26 -5.22 0.23
N LEU B 118 -4.85 -6.08 -0.70
CA LEU B 118 -3.84 -7.10 -0.40
C LEU B 118 -2.69 -6.51 0.39
N LEU B 119 -2.28 -5.31 -0.01
CA LEU B 119 -1.21 -4.57 0.64
C LEU B 119 -1.51 -4.29 2.10
N ALA B 120 -2.71 -3.81 2.37
CA ALA B 120 -3.11 -3.49 3.74
C ALA B 120 -3.23 -4.79 4.55
N THR B 121 -3.81 -5.82 3.93
CA THR B 121 -3.87 -7.15 4.54
C THR B 121 -2.47 -7.72 4.87
N SER B 122 -1.46 -7.41 4.05
CA SER B 122 -0.09 -7.81 4.34
CA SER B 122 -0.09 -7.81 4.34
C SER B 122 0.39 -7.28 5.68
N LEU B 123 0.26 -5.96 5.87
CA LEU B 123 0.68 -5.32 7.11
C LEU B 123 -0.08 -5.88 8.32
N VAL B 124 -1.33 -6.28 8.07
CA VAL B 124 -2.14 -6.91 9.13
C VAL B 124 -1.47 -8.21 9.56
N HIS B 125 -1.11 -9.05 8.60
CA HIS B 125 -0.43 -10.28 8.97
C HIS B 125 0.94 -10.03 9.64
N ALA B 126 1.65 -9.01 9.18
CA ALA B 126 2.93 -8.66 9.81
C ALA B 126 2.76 -8.29 11.28
N GLU B 127 1.72 -7.52 11.58
CA GLU B 127 1.45 -7.16 12.96
C GLU B 127 1.01 -8.39 13.78
N GLN B 128 0.19 -9.25 13.19
CA GLN B 128 -0.19 -10.48 13.86
C GLN B 128 0.96 -11.41 14.21
N THR B 129 2.18 -11.16 13.70
CA THR B 129 3.35 -11.95 14.15
C THR B 129 3.77 -11.59 15.57
N ASN B 130 3.17 -10.52 16.10
CA ASN B 130 3.54 -10.03 17.42
CA ASN B 130 3.56 -9.98 17.41
C ASN B 130 5.07 -9.90 17.59
N ASN B 131 5.75 -9.39 16.56
CA ASN B 131 7.20 -9.30 16.60
C ASN B 131 7.71 -8.06 15.84
N TYR B 132 8.31 -7.12 16.57
CA TYR B 132 8.61 -5.81 15.99
C TYR B 132 9.56 -5.90 14.81
N GLU B 133 10.59 -6.72 14.94
CA GLU B 133 11.59 -6.81 13.88
C GLU B 133 10.99 -7.27 12.55
N ILE B 134 10.05 -8.19 12.62
CA ILE B 134 9.37 -8.64 11.42
C ILE B 134 8.53 -7.52 10.80
N ILE B 135 7.75 -6.81 11.63
CA ILE B 135 7.01 -5.64 11.16
C ILE B 135 7.93 -4.61 10.53
N ARG B 136 9.09 -4.41 11.13
CA ARG B 136 10.11 -3.53 10.56
C ARG B 136 10.58 -4.08 9.22
N LEU B 137 10.75 -5.39 9.17
CA LEU B 137 11.26 -6.02 7.94
C LEU B 137 10.28 -5.86 6.80
N VAL B 138 9.01 -6.13 7.05
CA VAL B 138 8.01 -6.11 6.00
C VAL B 138 7.75 -4.70 5.47
N SER B 139 7.63 -3.76 6.40
CA SER B 139 7.31 -2.41 6.04
C SER B 139 8.49 -1.80 5.25
N SER B 140 9.71 -1.98 5.75
CA SER B 140 10.86 -1.46 5.00
C SER B 140 10.94 -2.13 3.62
N LEU B 141 10.70 -3.43 3.56
CA LEU B 141 10.64 -4.09 2.25
C LEU B 141 9.58 -3.47 1.33
N GLY B 142 8.39 -3.21 1.86
CA GLY B 142 7.33 -2.59 1.07
C GLY B 142 7.85 -1.30 0.48
N GLN B 143 8.57 -0.54 1.29
CA GLN B 143 9.21 0.67 0.84
C GLN B 143 10.16 0.41 -0.31
N LYS B 144 11.02 -0.59 -0.13
CA LYS B 144 12.11 -0.81 -1.07
C LYS B 144 11.56 -1.32 -2.39
N LEU B 145 10.65 -2.28 -2.31
CA LEU B 145 10.03 -2.79 -3.51
C LEU B 145 9.48 -1.63 -4.35
N ALA B 146 8.72 -0.75 -3.72
CA ALA B 146 8.16 0.39 -4.43
C ALA B 146 9.27 1.18 -5.08
N GLU B 147 10.04 1.89 -4.26
CA GLU B 147 11.23 2.61 -4.71
C GLU B 147 12.02 1.83 -5.76
N GLY B 148 12.02 0.51 -5.66
CA GLY B 148 12.72 -0.34 -6.61
C GLY B 148 12.02 -0.49 -7.96
N GLU B 149 10.81 0.07 -8.06
CA GLU B 149 10.10 0.08 -9.33
C GLU B 149 10.30 1.43 -10.03
N LEU B 150 10.53 2.48 -9.24
CA LEU B 150 10.90 3.78 -9.79
C LEU B 150 12.38 3.78 -10.16
N LEU B 151 13.11 2.79 -9.63
CA LEU B 151 14.53 2.61 -9.94
C LEU B 151 14.70 1.96 -11.30
N GLN B 152 13.70 1.19 -11.71
CA GLN B 152 13.70 0.57 -13.03
C GLN B 152 13.00 1.48 -14.03
N LEU B 153 12.00 2.22 -13.56
CA LEU B 153 11.26 3.15 -14.41
C LEU B 153 11.98 4.50 -14.59
N SER B 154 13.17 4.56 -14.02
CA SER B 154 14.06 5.68 -14.19
C SER B 154 15.23 5.18 -15.01
N ASN B 155 15.34 3.85 -15.05
CA ASN B 155 16.36 3.10 -15.79
C ASN B 155 16.26 3.28 -17.30
N VAL B 156 15.03 3.37 -17.80
CA VAL B 156 14.77 3.51 -19.22
C VAL B 156 15.45 4.76 -19.76
N SER B 157 15.50 5.80 -18.95
CA SER B 157 16.13 7.05 -19.37
C SER B 157 17.60 6.75 -19.67
N ASN B 158 18.22 5.90 -18.84
CA ASN B 158 19.61 5.55 -19.06
C ASN B 158 19.92 4.51 -20.11
N HIS B 159 20.80 4.90 -21.03
CA HIS B 159 21.26 4.08 -22.13
C HIS B 159 22.50 3.30 -21.77
N SER B 160 22.42 2.33 -20.88
CA SER B 160 23.61 1.59 -20.57
C SER B 160 23.40 0.10 -20.39
N PHE B 161 24.43 -0.64 -20.75
CA PHE B 161 24.42 -2.08 -20.73
C PHE B 161 25.24 -2.70 -19.63
N SER B 162 25.12 -2.14 -18.44
CA SER B 162 25.88 -2.66 -17.31
C SER B 162 25.06 -3.60 -16.42
N GLU B 163 25.72 -4.65 -15.96
CA GLU B 163 25.08 -5.64 -15.09
C GLU B 163 24.97 -5.07 -13.69
N GLU B 164 25.78 -4.06 -13.40
CA GLU B 164 25.77 -3.41 -12.10
C GLU B 164 24.38 -2.91 -11.77
N VAL B 165 23.65 -2.48 -12.80
CA VAL B 165 22.31 -1.99 -12.62
C VAL B 165 21.41 -3.18 -12.53
N TYR B 166 21.68 -4.17 -13.38
CA TYR B 166 20.87 -5.37 -13.48
C TYR B 166 20.72 -6.08 -12.16
N PHE B 167 21.85 -6.35 -11.53
CA PHE B 167 21.85 -7.04 -10.27
C PHE B 167 21.24 -6.20 -9.20
N ASP B 168 21.49 -4.93 -9.27
CA ASP B 168 21.02 -4.03 -8.28
C ASP B 168 19.53 -4.12 -8.22
N VAL B 169 18.95 -4.16 -9.40
CA VAL B 169 17.52 -4.25 -9.51
C VAL B 169 17.02 -5.53 -8.95
N ILE B 170 17.72 -6.60 -9.25
CA ILE B 170 17.32 -7.88 -8.74
C ILE B 170 17.37 -7.92 -7.22
N ARG B 171 18.39 -7.34 -6.64
CA ARG B 171 18.58 -7.22 -5.19
C ARG B 171 17.57 -6.32 -4.50
N LYS B 172 17.05 -5.34 -5.22
CA LYS B 172 16.03 -4.49 -4.61
C LYS B 172 14.65 -5.05 -4.85
N LYS B 173 14.56 -6.08 -5.68
CA LYS B 173 13.25 -6.58 -6.09
C LYS B 173 13.01 -8.05 -5.75
N THR B 174 13.21 -8.94 -6.71
CA THR B 174 12.92 -10.36 -6.49
C THR B 174 13.78 -10.95 -5.37
N ALA B 175 15.08 -10.65 -5.38
CA ALA B 175 15.99 -11.19 -4.39
C ALA B 175 15.74 -10.59 -2.99
N ALA B 176 15.22 -9.37 -2.95
CA ALA B 176 14.90 -8.74 -1.67
C ALA B 176 13.75 -9.46 -0.97
N LEU B 177 12.82 -9.98 -1.74
CA LEU B 177 11.67 -10.67 -1.20
C LEU B 177 12.05 -12.07 -0.70
N PHE B 178 12.85 -12.80 -1.47
CA PHE B 178 13.38 -14.07 -0.98
C PHE B 178 14.25 -13.87 0.26
N ALA B 179 15.12 -12.86 0.25
CA ALA B 179 15.92 -12.55 1.45
C ALA B 179 15.00 -12.28 2.66
N ALA B 180 13.99 -11.43 2.46
CA ALA B 180 13.02 -11.16 3.51
C ALA B 180 12.34 -12.42 4.01
N CYS B 181 12.01 -13.33 3.10
CA CYS B 181 11.31 -14.55 3.49
C CYS B 181 12.18 -15.35 4.42
N ALA B 182 13.45 -15.49 4.04
CA ALA B 182 14.39 -16.25 4.86
C ALA B 182 14.63 -15.54 6.18
N GLU B 183 14.79 -14.23 6.09
CA GLU B 183 15.11 -13.44 7.28
C GLU B 183 13.96 -13.46 8.30
N ALA B 184 12.73 -13.24 7.83
CA ALA B 184 11.58 -13.29 8.71
C ALA B 184 11.39 -14.68 9.29
N ALA B 185 11.71 -15.71 8.51
CA ALA B 185 11.58 -17.08 9.01
C ALA B 185 12.42 -17.22 10.28
N ALA B 186 13.67 -16.80 10.19
CA ALA B 186 14.61 -16.84 11.31
C ALA B 186 14.14 -16.01 12.53
N LEU B 187 13.81 -14.75 12.30
CA LEU B 187 13.25 -13.93 13.36
C LEU B 187 12.07 -14.64 14.00
N SER B 188 11.24 -15.28 13.18
CA SER B 188 10.00 -15.89 13.66
C SER B 188 10.22 -17.02 14.68
N VAL B 189 11.44 -17.54 14.77
CA VAL B 189 11.74 -18.57 15.76
C VAL B 189 12.81 -18.03 16.71
N GLN B 190 12.99 -16.73 16.66
CA GLN B 190 13.80 -16.01 17.64
C GLN B 190 15.21 -16.53 17.83
N VAL B 191 15.94 -16.76 16.75
CA VAL B 191 17.36 -17.06 16.90
C VAL B 191 18.14 -15.75 16.81
N GLY B 192 19.47 -15.83 17.01
CA GLY B 192 20.32 -14.66 17.15
C GLY B 192 20.55 -13.86 15.87
N GLU B 193 21.40 -12.84 15.98
CA GLU B 193 21.66 -11.94 14.87
C GLU B 193 22.49 -12.62 13.80
N GLU B 194 23.48 -13.40 14.23
CA GLU B 194 24.27 -14.18 13.29
C GLU B 194 23.35 -15.07 12.43
N GLU B 195 22.44 -15.77 13.09
CA GLU B 195 21.55 -16.70 12.39
C GLU B 195 20.59 -15.99 11.45
N VAL B 196 20.16 -14.81 11.85
CA VAL B 196 19.23 -14.02 11.05
C VAL B 196 19.93 -13.50 9.79
N ALA B 197 21.16 -13.04 9.97
CA ALA B 197 21.97 -12.57 8.87
C ALA B 197 22.32 -13.72 7.95
N PHE B 198 22.54 -14.90 8.53
CA PHE B 198 22.90 -16.06 7.73
C PHE B 198 21.71 -16.40 6.83
N ALA B 199 20.52 -16.41 7.41
CA ALA B 199 19.29 -16.69 6.68
C ALA B 199 19.08 -15.66 5.57
N ARG B 200 19.19 -14.37 5.90
CA ARG B 200 18.96 -13.31 4.93
C ARG B 200 19.85 -13.52 3.71
N LEU B 201 21.12 -13.77 3.96
CA LEU B 201 22.07 -13.97 2.87
C LEU B 201 21.66 -15.18 2.02
N LEU B 202 21.27 -16.28 2.67
CA LEU B 202 20.83 -17.47 1.94
C LEU B 202 19.66 -17.15 1.02
N GLY B 203 18.69 -16.40 1.55
CA GLY B 203 17.50 -16.07 0.82
C GLY B 203 17.83 -15.21 -0.38
N GLU B 204 18.78 -14.30 -0.21
CA GLU B 204 19.20 -13.45 -1.32
C GLU B 204 19.87 -14.24 -2.45
N TYR B 205 20.69 -15.21 -2.09
CA TYR B 205 21.38 -15.96 -3.14
C TYR B 205 20.36 -16.79 -3.92
N ILE B 206 19.33 -17.27 -3.24
CA ILE B 206 18.30 -18.09 -3.88
C ILE B 206 17.47 -17.25 -4.82
N GLY B 207 17.02 -16.09 -4.34
CA GLY B 207 16.26 -15.14 -5.16
C GLY B 207 17.01 -14.64 -6.40
N ILE B 208 18.32 -14.51 -6.30
CA ILE B 208 19.11 -14.10 -7.45
C ILE B 208 19.15 -15.23 -8.47
N CYS B 209 19.38 -16.45 -7.98
CA CYS B 209 19.30 -17.64 -8.81
C CYS B 209 17.93 -17.73 -9.47
N PHE B 210 16.89 -17.48 -8.70
CA PHE B 210 15.55 -17.60 -9.18
C PHE B 210 15.30 -16.59 -10.31
N GLN B 211 15.75 -15.35 -10.12
CA GLN B 211 15.47 -14.28 -11.07
C GLN B 211 16.21 -14.46 -12.39
N ILE B 212 17.46 -14.89 -12.32
CA ILE B 212 18.28 -15.06 -13.51
C ILE B 212 17.72 -16.18 -14.40
N LYS B 213 17.41 -17.32 -13.79
CA LYS B 213 16.64 -18.38 -14.44
C LYS B 213 15.42 -17.88 -15.18
N ASP B 214 14.58 -17.10 -14.51
CA ASP B 214 13.39 -16.60 -15.13
C ASP B 214 13.72 -15.78 -16.35
N ASP B 215 14.69 -14.90 -16.21
CA ASP B 215 15.11 -14.04 -17.28
C ASP B 215 15.55 -14.83 -18.46
N ILE B 216 16.16 -15.96 -18.22
CA ILE B 216 16.64 -16.78 -19.28
C ILE B 216 15.52 -17.35 -20.10
N PHE B 217 14.48 -17.81 -19.43
CA PHE B 217 13.35 -18.40 -20.14
C PHE B 217 12.75 -17.47 -21.21
N ASP B 218 12.88 -16.17 -21.01
CA ASP B 218 12.39 -15.18 -21.96
C ASP B 218 13.14 -15.30 -23.27
N TYR B 219 14.23 -16.08 -23.26
CA TYR B 219 15.11 -16.19 -24.42
C TYR B 219 14.81 -17.42 -25.27
N PHE B 220 14.14 -18.41 -24.70
CA PHE B 220 13.85 -19.64 -25.44
C PHE B 220 12.38 -19.81 -25.79
N ASP B 221 12.13 -20.70 -26.75
CA ASP B 221 10.79 -20.93 -27.29
C ASP B 221 9.93 -21.75 -26.35
N SER B 222 8.86 -21.13 -25.87
CA SER B 222 7.92 -21.82 -24.99
C SER B 222 6.83 -22.52 -25.81
N LYS B 223 7.15 -23.73 -26.28
CA LYS B 223 6.23 -24.51 -27.11
C LYS B 223 4.77 -24.26 -26.73
N GLY B 226 1.31 -19.58 -28.00
CA GLY B 226 0.89 -18.19 -28.09
C GLY B 226 1.81 -17.23 -27.32
N LYS B 227 2.90 -17.77 -26.79
CA LYS B 227 3.85 -16.97 -25.99
C LYS B 227 5.10 -16.56 -26.77
N PRO B 228 5.24 -15.23 -27.01
CA PRO B 228 6.32 -14.60 -27.77
C PRO B 228 7.65 -14.54 -27.00
N THR B 229 8.71 -15.02 -27.64
CA THR B 229 10.05 -14.88 -27.10
C THR B 229 10.39 -13.42 -26.85
N GLY B 230 11.39 -13.18 -26.02
CA GLY B 230 11.84 -11.84 -25.71
C GLY B 230 10.78 -10.92 -25.21
N ASN B 231 9.85 -11.42 -24.43
CA ASN B 231 8.82 -10.55 -23.96
C ASN B 231 9.40 -9.43 -23.16
N ASP B 232 10.48 -9.72 -22.47
CA ASP B 232 11.10 -8.70 -21.66
C ASP B 232 11.57 -7.56 -22.53
N MET B 233 12.19 -7.86 -23.67
CA MET B 233 12.66 -6.82 -24.57
C MET B 233 11.41 -6.08 -24.95
N LEU B 234 10.39 -6.84 -25.25
CA LEU B 234 9.09 -6.28 -25.61
C LEU B 234 8.57 -5.34 -24.53
N GLU B 235 9.17 -5.42 -23.35
CA GLU B 235 8.75 -4.60 -22.22
C GLU B 235 9.74 -3.48 -21.92
N GLY B 236 10.86 -3.48 -22.62
CA GLY B 236 11.85 -2.41 -22.53
C GLY B 236 13.02 -2.70 -21.60
N LYS B 237 13.37 -3.99 -21.50
CA LYS B 237 14.37 -4.44 -20.55
C LYS B 237 15.39 -5.37 -21.21
N LEU B 238 16.67 -5.16 -20.91
CA LEU B 238 17.72 -6.02 -21.44
C LEU B 238 18.36 -6.86 -20.33
N THR B 239 17.78 -8.03 -20.09
CA THR B 239 18.22 -8.89 -18.99
C THR B 239 19.64 -9.42 -19.20
N LEU B 240 20.15 -10.15 -18.22
CA LEU B 240 21.59 -10.48 -18.17
C LEU B 240 22.22 -10.91 -19.48
N PRO B 241 21.65 -11.94 -20.14
CA PRO B 241 22.38 -12.53 -21.27
C PRO B 241 22.53 -11.53 -22.43
N ALA B 242 21.47 -10.78 -22.72
CA ALA B 242 21.59 -9.73 -23.71
C ALA B 242 22.73 -8.81 -23.28
N LEU B 243 22.55 -8.16 -22.12
CA LEU B 243 23.56 -7.29 -21.52
C LEU B 243 24.97 -7.83 -21.71
N TYR B 244 25.14 -9.14 -21.53
CA TYR B 244 26.45 -9.75 -21.67
C TYR B 244 26.94 -9.75 -23.13
N ALA B 245 26.03 -10.04 -24.05
CA ALA B 245 26.37 -10.01 -25.47
C ALA B 245 26.77 -8.59 -25.85
N LEU B 246 25.91 -7.63 -25.52
CA LEU B 246 26.16 -6.23 -25.84
C LEU B 246 27.43 -5.69 -25.19
N ASN B 247 28.12 -6.52 -24.40
CA ASN B 247 29.27 -6.05 -23.65
C ASN B 247 30.61 -6.68 -24.06
N THR B 248 30.57 -7.91 -24.53
CA THR B 248 31.78 -8.52 -25.09
C THR B 248 31.70 -8.46 -26.62
N THR B 249 31.12 -7.39 -27.13
CA THR B 249 30.82 -7.26 -28.55
C THR B 249 30.94 -5.82 -29.06
N ASP B 251 29.53 -5.41 -32.61
CA ASP B 251 28.46 -5.41 -33.62
C ASP B 251 27.45 -4.31 -33.32
N ALA B 252 27.85 -3.07 -33.60
CA ALA B 252 27.08 -1.88 -33.21
C ALA B 252 25.66 -1.88 -33.74
N TRP B 253 25.32 -2.85 -34.59
CA TRP B 253 23.96 -2.94 -35.11
C TRP B 253 23.01 -3.30 -33.97
N ALA B 254 23.38 -4.32 -33.21
CA ALA B 254 22.58 -4.81 -32.10
C ALA B 254 22.36 -3.72 -31.05
N GLU B 255 23.41 -2.95 -30.79
CA GLU B 255 23.35 -1.88 -29.80
C GLU B 255 22.15 -0.98 -30.04
N GLN B 256 21.81 -0.79 -31.32
CA GLN B 256 20.72 0.10 -31.65
C GLN B 256 19.39 -0.63 -31.62
N ILE B 257 19.41 -1.93 -31.91
CA ILE B 257 18.23 -2.75 -31.70
C ILE B 257 17.90 -2.72 -30.22
N ALA B 258 18.95 -2.69 -29.39
CA ALA B 258 18.82 -2.63 -27.94
C ALA B 258 18.26 -1.29 -27.49
N PHE B 259 18.83 -0.21 -28.03
CA PHE B 259 18.39 1.13 -27.67
C PHE B 259 16.93 1.35 -28.10
N LYS B 260 16.46 0.50 -28.99
CA LYS B 260 15.06 0.54 -29.43
C LYS B 260 14.14 0.00 -28.34
N VAL B 261 14.55 -1.14 -27.77
CA VAL B 261 13.83 -1.76 -26.65
C VAL B 261 13.72 -0.78 -25.50
N LYS B 262 14.80 -0.10 -25.19
CA LYS B 262 14.80 0.93 -24.17
C LYS B 262 14.12 2.19 -24.71
N GLU B 263 14.45 2.56 -25.94
CA GLU B 263 13.88 3.73 -26.59
C GLU B 263 12.35 3.67 -26.59
N GLY B 264 11.87 2.48 -26.27
CA GLY B 264 10.45 2.16 -26.26
C GLY B 264 9.90 1.59 -27.55
N THR B 265 10.71 1.57 -28.60
CA THR B 265 10.23 1.06 -29.88
C THR B 265 11.12 0.04 -30.56
N ALA B 266 10.57 -1.14 -30.82
CA ALA B 266 11.27 -2.20 -31.51
C ALA B 266 10.17 -3.13 -32.01
N THR B 267 10.50 -4.05 -32.90
CA THR B 267 9.45 -4.93 -33.40
C THR B 267 9.83 -6.40 -33.32
N PRO B 268 8.82 -7.27 -33.14
CA PRO B 268 8.93 -8.70 -32.87
C PRO B 268 10.07 -9.38 -33.61
N ASP B 269 10.55 -8.74 -34.68
CA ASP B 269 11.59 -9.33 -35.51
C ASP B 269 12.96 -8.92 -35.00
N GLU B 270 13.13 -7.61 -34.84
CA GLU B 270 14.36 -7.07 -34.30
C GLU B 270 14.74 -7.84 -33.05
N ILE B 271 13.88 -7.75 -32.03
CA ILE B 271 14.11 -8.42 -30.76
C ILE B 271 14.32 -9.92 -30.99
N VAL B 272 14.06 -10.35 -32.22
CA VAL B 272 14.15 -11.76 -32.58
C VAL B 272 15.59 -12.17 -32.84
N ARG B 273 16.18 -11.45 -33.79
CA ARG B 273 17.56 -11.61 -34.22
C ARG B 273 18.50 -11.26 -33.09
N LEU B 274 18.13 -10.23 -32.34
CA LEU B 274 18.95 -9.77 -31.23
C LEU B 274 19.08 -10.91 -30.23
N ILE B 275 17.98 -11.63 -30.02
CA ILE B 275 18.00 -12.78 -29.12
C ILE B 275 18.97 -13.83 -29.63
N GLU B 276 18.99 -14.03 -30.95
CA GLU B 276 19.89 -14.98 -31.58
C GLU B 276 21.35 -14.58 -31.37
N PHE B 277 21.64 -13.29 -31.52
CA PHE B 277 22.99 -12.78 -31.33
C PHE B 277 23.36 -13.04 -29.88
N THR B 278 22.40 -12.81 -28.99
CA THR B 278 22.56 -13.06 -27.58
C THR B 278 22.85 -14.54 -27.41
N LYS B 279 22.16 -15.38 -28.17
CA LYS B 279 22.43 -16.82 -28.04
C LYS B 279 23.76 -17.25 -28.68
N ASP B 280 24.28 -16.42 -29.58
CA ASP B 280 25.48 -16.79 -30.33
C ASP B 280 26.77 -16.23 -29.73
N ASN B 281 26.66 -15.13 -29.00
CA ASN B 281 27.83 -14.49 -28.42
C ASN B 281 28.17 -14.98 -27.04
N GLY B 282 27.53 -16.06 -26.61
CA GLY B 282 27.78 -16.67 -25.32
C GLY B 282 27.05 -16.01 -24.17
N GLY B 283 25.84 -15.52 -24.45
CA GLY B 283 25.05 -14.79 -23.46
C GLY B 283 24.24 -15.66 -22.50
N ILE B 284 23.92 -16.88 -22.92
CA ILE B 284 23.12 -17.80 -22.09
C ILE B 284 23.99 -18.63 -21.16
N GLU B 285 25.15 -19.05 -21.64
CA GLU B 285 26.07 -19.81 -20.79
C GLU B 285 26.54 -18.96 -19.62
N TYR B 286 27.06 -17.77 -19.92
CA TYR B 286 27.52 -16.86 -18.89
C TYR B 286 26.50 -16.81 -17.78
N ALA B 287 25.24 -16.52 -18.14
CA ALA B 287 24.17 -16.46 -17.17
C ALA B 287 24.00 -17.79 -16.44
N CYS B 288 24.14 -18.91 -17.15
CA CYS B 288 24.00 -20.22 -16.54
C CYS B 288 25.11 -20.49 -15.56
N ARG B 289 26.29 -19.99 -15.87
CA ARG B 289 27.46 -20.16 -15.00
C ARG B 289 27.46 -19.14 -13.87
N THR B 290 26.80 -18.01 -14.09
CA THR B 290 26.58 -17.06 -13.01
C THR B 290 25.55 -17.63 -12.02
N ILE B 291 24.44 -18.16 -12.53
CA ILE B 291 23.50 -18.89 -11.70
C ILE B 291 24.25 -19.91 -10.85
N GLU B 292 25.25 -20.55 -11.46
CA GLU B 292 25.92 -21.68 -10.83
C GLU B 292 26.84 -21.24 -9.69
N GLN B 293 27.45 -20.07 -9.86
CA GLN B 293 28.26 -19.49 -8.80
C GLN B 293 27.38 -19.15 -7.61
N TYR B 294 26.33 -18.38 -7.85
CA TYR B 294 25.45 -18.05 -6.74
C TYR B 294 24.97 -19.31 -6.03
N LYS B 295 24.65 -20.35 -6.80
CA LYS B 295 24.13 -21.59 -6.21
C LYS B 295 25.16 -22.26 -5.32
N LYS B 296 26.44 -22.07 -5.65
CA LYS B 296 27.54 -22.59 -4.87
C LYS B 296 27.69 -21.82 -3.55
N LYS B 297 27.55 -20.51 -3.61
CA LYS B 297 27.55 -19.71 -2.39
C LYS B 297 26.45 -20.16 -1.41
N ALA B 298 25.23 -20.31 -1.91
CA ALA B 298 24.13 -20.81 -1.07
C ALA B 298 24.37 -22.25 -0.56
N PHE B 299 24.84 -23.14 -1.43
CA PHE B 299 25.20 -24.50 -1.02
C PHE B 299 26.30 -24.45 0.06
N ASP B 300 27.31 -23.64 -0.18
CA ASP B 300 28.41 -23.53 0.76
C ASP B 300 27.98 -22.93 2.10
N LEU B 301 26.99 -22.03 2.09
CA LEU B 301 26.46 -21.56 3.38
C LEU B 301 25.83 -22.71 4.14
N LEU B 302 25.01 -23.50 3.44
CA LEU B 302 24.32 -24.60 4.10
C LEU B 302 25.30 -25.57 4.73
N ALA B 303 26.50 -25.64 4.17
CA ALA B 303 27.53 -26.53 4.69
C ALA B 303 27.93 -26.14 6.11
N ALA B 304 27.49 -24.98 6.59
CA ALA B 304 27.74 -24.61 7.98
C ALA B 304 26.73 -25.22 8.95
N LEU B 305 25.73 -25.91 8.43
CA LEU B 305 24.70 -26.54 9.28
C LEU B 305 24.87 -28.03 9.24
N PRO B 306 24.37 -28.73 10.26
CA PRO B 306 24.41 -30.18 10.23
C PRO B 306 23.41 -30.66 9.20
N ASP B 307 23.71 -31.77 8.53
CA ASP B 307 22.76 -32.32 7.55
C ASP B 307 21.47 -32.77 8.25
N SER B 308 20.36 -32.76 7.51
CA SER B 308 19.05 -33.16 8.03
C SER B 308 18.07 -33.25 6.87
N ASN B 309 16.86 -33.71 7.16
CA ASN B 309 15.84 -33.72 6.12
C ASN B 309 15.43 -32.30 5.69
N ILE B 310 15.54 -31.35 6.62
CA ILE B 310 15.34 -29.94 6.29
C ILE B 310 16.44 -29.44 5.37
N CYS B 311 17.69 -29.66 5.75
CA CYS B 311 18.80 -29.20 4.91
C CYS B 311 18.68 -29.87 3.55
N LEU B 312 18.40 -31.17 3.57
CA LEU B 312 18.18 -31.93 2.36
C LEU B 312 17.08 -31.25 1.53
N ALA B 313 15.95 -30.97 2.17
CA ALA B 313 14.86 -30.30 1.47
C ALA B 313 15.28 -28.95 0.86
N LEU B 314 16.14 -28.21 1.55
CA LEU B 314 16.65 -26.92 1.05
C LEU B 314 17.60 -27.04 -0.15
N ARG B 315 18.58 -27.91 -0.03
CA ARG B 315 19.46 -28.15 -1.15
C ARG B 315 18.63 -28.59 -2.36
N THR B 316 17.61 -29.39 -2.12
CA THR B 316 16.79 -29.87 -3.23
C THR B 316 15.95 -28.74 -3.81
N TYR B 317 15.35 -27.96 -2.91
CA TYR B 317 14.61 -26.78 -3.31
C TYR B 317 15.47 -25.93 -4.25
N LEU B 318 16.71 -25.72 -3.86
CA LEU B 318 17.62 -24.92 -4.65
C LEU B 318 17.96 -25.52 -6.03
N ASP B 319 18.07 -26.84 -6.10
CA ASP B 319 18.26 -27.53 -7.38
C ASP B 319 17.06 -27.29 -8.29
N TYR B 320 15.87 -27.36 -7.72
CA TYR B 320 14.65 -27.19 -8.49
C TYR B 320 14.60 -25.79 -9.11
N VAL B 321 14.99 -24.79 -8.32
CA VAL B 321 15.03 -23.41 -8.77
C VAL B 321 16.01 -23.17 -9.92
N VAL B 322 16.86 -24.16 -10.19
CA VAL B 322 17.88 -24.00 -11.22
C VAL B 322 17.59 -24.84 -12.46
N ALA B 323 17.19 -26.09 -12.25
CA ALA B 323 16.85 -26.97 -13.36
C ALA B 323 15.56 -26.53 -14.07
N ARG B 324 14.60 -26.02 -13.31
CA ARG B 324 13.34 -25.55 -13.88
C ARG B 324 13.42 -25.46 -15.40
#